data_4CIP
#
_entry.id   4CIP
#
_cell.length_a   53.716
_cell.length_b   53.716
_cell.length_c   180.624
_cell.angle_alpha   90.00
_cell.angle_beta   90.00
_cell.angle_gamma   120.00
#
_symmetry.space_group_name_H-M   'P 65 2 2'
#
loop_
_entity.id
_entity.type
_entity.pdbx_description
1 polymer "CYTOCHROME C'"
2 non-polymer 'HEME C'
3 non-polymer 'ASCORBIC ACID'
4 non-polymer 'SULFATE ION'
5 water water
#
_entity_poly.entity_id   1
_entity_poly.type   'polypeptide(L)'
_entity_poly.pdbx_seq_one_letter_code
;(PCA)FAKPEDAVKYRQSALTLMASHFGRMTPVVKGQAPYDAAQIKANVEVLKTLSALPWAAFGPGTEGGDARPEIWSDA
ASFKQKQQAFQDNIVKLSAAADAGDLDKLRAAFGDVGASCKACHDAYRKKK
;
_entity_poly.pdbx_strand_id   A
#
loop_
_chem_comp.id
_chem_comp.type
_chem_comp.name
_chem_comp.formula
ASC L-saccharide 'ASCORBIC ACID' 'C6 H8 O6'
HEC non-polymer 'HEME C' 'C34 H34 Fe N4 O4'
SO4 non-polymer 'SULFATE ION' 'O4 S -2'
#
# COMPACT_ATOMS: atom_id res chain seq x y z
N PCA A 1 0.90 -15.37 13.53
CA PCA A 1 0.19 -16.47 12.82
CB PCA A 1 -0.88 -15.71 12.02
CG PCA A 1 -0.26 -14.33 11.79
CD PCA A 1 0.74 -14.21 12.93
OE PCA A 1 1.34 -13.19 13.25
C PCA A 1 1.06 -17.29 11.92
O PCA A 1 0.54 -18.06 11.14
N PHE A 2 2.38 -17.18 12.04
CA PHE A 2 3.31 -17.76 11.08
C PHE A 2 4.21 -18.76 11.76
N ALA A 3 4.19 -20.00 11.28
CA ALA A 3 4.95 -21.07 11.92
C ALA A 3 6.46 -20.84 11.79
N LYS A 4 6.90 -20.28 10.66
CA LYS A 4 8.29 -20.00 10.34
C LYS A 4 8.38 -18.65 9.65
N PRO A 5 9.56 -18.01 9.67
CA PRO A 5 9.68 -16.68 9.03
C PRO A 5 9.29 -16.68 7.56
N GLU A 6 9.56 -17.77 6.86
CA GLU A 6 9.20 -17.88 5.43
C GLU A 6 7.70 -17.72 5.22
N ASP A 7 6.91 -18.13 6.22
CA ASP A 7 5.45 -18.01 6.08
C ASP A 7 5.03 -16.55 6.15
N ALA A 8 5.70 -15.76 6.99
CA ALA A 8 5.48 -14.30 7.06
C ALA A 8 5.88 -13.63 5.74
N VAL A 9 7.01 -14.06 5.18
CA VAL A 9 7.47 -13.53 3.90
C VAL A 9 6.41 -13.82 2.83
N LYS A 10 5.94 -15.06 2.75
CA LYS A 10 4.97 -15.42 1.73
C LYS A 10 3.68 -14.63 1.93
N TYR A 11 3.23 -14.47 3.17
CA TYR A 11 2.03 -13.67 3.44
C TYR A 11 2.21 -12.25 2.98
N ARG A 12 3.29 -11.57 3.38
CA ARG A 12 3.40 -10.16 3.01
C ARG A 12 3.54 -9.97 1.52
N GLN A 13 4.27 -10.86 0.85
CA GLN A 13 4.39 -10.79 -0.58
C GLN A 13 3.03 -10.95 -1.26
N SER A 14 2.21 -11.86 -0.77
CA SER A 14 0.88 -12.05 -1.30
C SER A 14 0.00 -10.84 -1.06
N ALA A 15 0.06 -10.27 0.15
CA ALA A 15 -0.71 -9.08 0.48
C ALA A 15 -0.32 -7.90 -0.40
N LEU A 16 0.97 -7.71 -0.59
CA LEU A 16 1.48 -6.62 -1.42
C LEU A 16 1.14 -6.81 -2.90
N THR A 17 1.16 -8.05 -3.38
CA THR A 17 0.70 -8.37 -4.74
C THR A 17 -0.77 -7.98 -4.91
N LEU A 18 -1.61 -8.32 -3.94
CA LEU A 18 -3.04 -7.98 -4.01
CA LEU A 18 -3.01 -8.00 -4.09
C LEU A 18 -3.24 -6.48 -3.98
N MET A 19 -2.34 -5.72 -3.27
N MET A 19 -2.77 -5.95 -2.86
CA MET A 19 -2.34 -4.21 -3.28
CA MET A 19 -2.90 -4.55 -2.61
C MET A 19 -1.95 -3.61 -4.63
C MET A 19 -2.51 -3.81 -3.88
N ALA A 20 -0.87 -4.12 -5.20
N ALA A 20 -1.42 -4.26 -4.51
CA ALA A 20 -0.45 -3.65 -6.50
CA ALA A 20 -0.93 -3.64 -5.74
C ALA A 20 -1.61 -3.84 -7.45
C ALA A 20 -1.87 -3.73 -6.97
N SER A 21 -2.40 -4.91 -7.27
CA SER A 21 -3.46 -5.11 -8.27
C SER A 21 -4.63 -4.16 -8.07
N HIS A 22 -5.08 -3.99 -6.83
CA HIS A 22 -6.21 -3.13 -6.57
C HIS A 22 -5.88 -1.64 -6.71
N PHE A 23 -4.60 -1.27 -6.51
CA PHE A 23 -4.15 0.07 -6.78
C PHE A 23 -3.96 0.27 -8.29
N GLY A 24 -3.12 -0.55 -8.91
CA GLY A 24 -2.71 -0.37 -10.29
C GLY A 24 -3.85 -0.52 -11.29
N ARG A 25 -4.87 -1.31 -10.96
CA ARG A 25 -5.98 -1.49 -11.89
C ARG A 25 -6.74 -0.19 -12.07
N MET A 26 -6.57 0.82 -11.20
CA MET A 26 -7.24 2.09 -11.40
C MET A 26 -6.47 3.05 -12.29
N THR A 27 -5.23 2.71 -12.68
CA THR A 27 -4.45 3.61 -13.50
C THR A 27 -5.19 4.07 -14.77
N PRO A 28 -5.82 3.14 -15.53
CA PRO A 28 -6.51 3.62 -16.74
C PRO A 28 -7.65 4.58 -16.42
N VAL A 29 -8.30 4.40 -15.27
CA VAL A 29 -9.39 5.27 -14.89
C VAL A 29 -8.88 6.68 -14.53
N VAL A 30 -7.83 6.75 -13.71
CA VAL A 30 -7.33 8.08 -13.35
CA VAL A 30 -7.19 8.01 -13.33
C VAL A 30 -6.71 8.78 -14.56
N LYS A 31 -6.19 8.04 -15.55
CA LYS A 31 -5.69 8.63 -16.80
C LYS A 31 -6.77 8.96 -17.82
N GLY A 32 -8.01 8.54 -17.58
CA GLY A 32 -9.12 8.81 -18.50
C GLY A 32 -9.23 7.84 -19.65
N GLN A 33 -8.37 6.83 -19.68
CA GLN A 33 -8.36 5.80 -20.72
C GLN A 33 -9.50 4.77 -20.57
N ALA A 34 -10.02 4.62 -19.37
CA ALA A 34 -11.16 3.81 -19.06
C ALA A 34 -12.20 4.68 -18.39
N PRO A 35 -13.50 4.33 -18.50
CA PRO A 35 -14.52 5.19 -17.91
C PRO A 35 -14.48 5.23 -16.38
N TYR A 36 -14.94 6.35 -15.84
CA TYR A 36 -15.04 6.52 -14.40
C TYR A 36 -16.45 6.22 -13.93
N ASP A 37 -16.61 5.13 -13.19
CA ASP A 37 -17.85 4.75 -12.54
C ASP A 37 -17.59 4.89 -11.06
N ALA A 38 -18.18 5.90 -10.48
CA ALA A 38 -17.88 6.25 -9.09
C ALA A 38 -18.16 5.11 -8.13
N ALA A 39 -19.25 4.38 -8.32
CA ALA A 39 -19.56 3.27 -7.43
C ALA A 39 -18.54 2.15 -7.58
N GLN A 40 -18.10 1.88 -8.80
CA GLN A 40 -17.10 0.85 -9.07
C GLN A 40 -15.82 1.18 -8.28
N ILE A 41 -15.37 2.41 -8.43
CA ILE A 41 -14.13 2.85 -7.78
C ILE A 41 -14.30 2.88 -6.26
N LYS A 42 -15.44 3.31 -5.76
CA LYS A 42 -15.68 3.33 -4.30
C LYS A 42 -15.53 1.92 -3.75
N ALA A 43 -16.14 0.95 -4.42
CA ALA A 43 -16.05 -0.43 -3.97
C ALA A 43 -14.60 -0.95 -4.03
N ASN A 44 -13.90 -0.64 -5.13
CA ASN A 44 -12.53 -1.11 -5.26
C ASN A 44 -11.62 -0.50 -4.17
N VAL A 45 -11.81 0.78 -3.89
CA VAL A 45 -10.99 1.44 -2.89
C VAL A 45 -11.29 0.90 -1.49
N GLU A 46 -12.51 0.46 -1.22
CA GLU A 46 -12.83 -0.22 0.03
C GLU A 46 -12.01 -1.51 0.14
N VAL A 47 -11.90 -2.28 -0.94
CA VAL A 47 -11.04 -3.47 -0.92
C VAL A 47 -9.58 -3.08 -0.68
N LEU A 48 -9.10 -2.09 -1.40
CA LEU A 48 -7.73 -1.64 -1.24
C LEU A 48 -7.47 -1.15 0.20
N LYS A 49 -8.45 -0.49 0.82
N LYS A 49 -8.41 -0.49 0.84
CA LYS A 49 -8.40 -0.05 2.23
CA LYS A 49 -8.13 -0.04 2.20
C LYS A 49 -8.03 -1.23 3.12
C LYS A 49 -8.00 -1.25 3.15
N THR A 50 -8.83 -2.28 3.01
CA THR A 50 -8.63 -3.47 3.81
C THR A 50 -7.25 -4.09 3.56
N LEU A 51 -6.92 -4.26 2.29
CA LEU A 51 -5.64 -4.87 1.93
C LEU A 51 -4.44 -4.06 2.42
N SER A 52 -4.55 -2.74 2.39
CA SER A 52 -3.38 -1.92 2.67
CA SER A 52 -3.48 -1.77 2.70
C SER A 52 -3.01 -1.88 4.15
N ALA A 53 -3.85 -2.41 5.02
CA ALA A 53 -3.52 -2.58 6.44
C ALA A 53 -2.83 -3.90 6.72
N LEU A 54 -2.80 -4.84 5.78
CA LEU A 54 -2.37 -6.21 6.06
C LEU A 54 -0.87 -6.50 6.05
N PRO A 55 -0.08 -5.87 5.17
CA PRO A 55 1.30 -6.35 5.10
C PRO A 55 2.11 -6.18 6.39
N TRP A 56 1.78 -5.13 7.15
CA TRP A 56 2.74 -4.61 8.14
C TRP A 56 2.91 -5.56 9.33
N ALA A 57 1.85 -6.28 9.68
CA ALA A 57 1.89 -7.26 10.75
C ALA A 57 2.73 -8.49 10.38
N ALA A 58 3.10 -8.62 9.12
CA ALA A 58 3.92 -9.74 8.65
C ALA A 58 5.38 -9.38 8.48
N PHE A 59 5.78 -8.23 9.04
CA PHE A 59 7.18 -7.84 9.23
C PHE A 59 7.52 -7.87 10.74
N GLY A 60 6.94 -8.82 11.47
N GLY A 60 7.09 -8.91 11.45
CA GLY A 60 7.10 -8.92 12.93
CA GLY A 60 7.48 -9.05 12.86
C GLY A 60 8.49 -9.39 13.29
C GLY A 60 8.97 -9.21 13.06
N PRO A 61 8.84 -9.36 14.58
N PRO A 61 9.42 -9.01 14.30
CA PRO A 61 10.21 -9.73 14.92
CA PRO A 61 10.84 -9.24 14.56
C PRO A 61 10.56 -11.14 14.40
C PRO A 61 11.23 -10.64 14.13
N GLY A 62 11.78 -11.35 13.93
N GLY A 62 12.38 -10.80 13.50
CA GLY A 62 12.16 -12.67 13.48
CA GLY A 62 12.81 -12.16 13.16
C GLY A 62 11.83 -12.98 12.02
C GLY A 62 12.25 -12.70 11.85
N THR A 63 11.24 -12.04 11.26
CA THR A 63 10.73 -12.37 9.89
C THR A 63 11.56 -11.79 8.74
N GLU A 64 12.84 -11.59 9.00
CA GLU A 64 13.78 -11.18 7.97
C GLU A 64 13.75 -12.18 6.80
N GLY A 65 13.83 -11.65 5.58
CA GLY A 65 13.82 -12.43 4.36
C GLY A 65 13.13 -11.72 3.22
N GLY A 66 12.97 -12.44 2.11
CA GLY A 66 12.41 -11.85 0.92
C GLY A 66 13.26 -10.70 0.44
N ASP A 67 12.58 -9.69 -0.10
CA ASP A 67 13.21 -8.46 -0.54
C ASP A 67 13.10 -7.33 0.47
N ALA A 68 12.83 -7.69 1.72
CA ALA A 68 12.79 -6.73 2.83
C ALA A 68 14.21 -6.40 3.27
N ARG A 69 14.55 -5.13 3.29
CA ARG A 69 15.83 -4.69 3.86
CA ARG A 69 15.85 -4.75 3.85
C ARG A 69 15.85 -4.85 5.39
N PRO A 70 17.05 -5.25 5.95
CA PRO A 70 17.15 -5.43 7.40
C PRO A 70 16.89 -4.15 8.18
N GLU A 71 17.04 -3.01 7.52
CA GLU A 71 16.79 -1.72 8.16
C GLU A 71 15.31 -1.53 8.55
N ILE A 72 14.41 -2.33 7.98
CA ILE A 72 13.03 -2.32 8.46
C ILE A 72 12.95 -2.56 9.97
N TRP A 73 13.82 -3.43 10.47
CA TRP A 73 13.83 -3.82 11.88
C TRP A 73 14.75 -2.99 12.75
N SER A 74 15.88 -2.58 12.20
CA SER A 74 16.81 -1.76 12.99
C SER A 74 16.37 -0.30 13.03
N ASP A 75 15.56 0.15 12.05
CA ASP A 75 14.99 1.51 12.08
C ASP A 75 13.45 1.41 12.15
N ALA A 76 12.95 0.78 13.22
CA ALA A 76 11.54 0.43 13.30
C ALA A 76 10.69 1.69 13.27
N ALA A 77 11.12 2.77 13.91
CA ALA A 77 10.32 4.01 13.94
C ALA A 77 10.19 4.67 12.57
N SER A 78 11.29 4.72 11.82
N SER A 78 11.26 4.61 11.78
CA SER A 78 11.21 5.21 10.45
CA SER A 78 11.26 5.19 10.45
C SER A 78 10.30 4.36 9.56
C SER A 78 10.46 4.37 9.44
N PHE A 79 10.47 3.04 9.59
CA PHE A 79 9.61 2.17 8.81
C PHE A 79 8.13 2.39 9.16
N LYS A 80 7.84 2.48 10.47
CA LYS A 80 6.45 2.75 10.89
C LYS A 80 5.95 4.09 10.34
N GLN A 81 6.77 5.14 10.34
CA GLN A 81 6.30 6.40 9.66
C GLN A 81 6.05 6.28 8.16
N LYS A 82 6.82 5.45 7.44
CA LYS A 82 6.54 5.25 6.02
C LYS A 82 5.24 4.49 5.83
N GLN A 83 4.96 3.47 6.68
N GLN A 83 5.00 3.56 6.73
CA GLN A 83 3.66 2.73 6.56
CA GLN A 83 3.80 2.76 6.67
C GLN A 83 2.51 3.61 6.99
C GLN A 83 2.57 3.58 7.02
N GLN A 84 2.69 4.44 8.03
CA GLN A 84 1.55 5.26 8.45
CA GLN A 84 1.62 5.34 8.47
C GLN A 84 1.28 6.37 7.43
N ALA A 85 2.31 6.97 6.82
CA ALA A 85 2.07 7.96 5.75
C ALA A 85 1.31 7.34 4.60
N PHE A 86 1.72 6.13 4.23
CA PHE A 86 1.02 5.39 3.19
C PHE A 86 -0.43 5.17 3.61
N GLN A 87 -0.66 4.70 4.82
CA GLN A 87 -2.03 4.40 5.23
C GLN A 87 -2.86 5.69 5.32
N ASP A 88 -2.26 6.78 5.74
CA ASP A 88 -2.95 8.06 5.76
C ASP A 88 -3.31 8.52 4.35
N ASN A 89 -2.43 8.29 3.39
CA ASN A 89 -2.69 8.60 1.98
CA ASN A 89 -2.79 8.59 2.00
C ASN A 89 -3.87 7.69 1.47
N ILE A 90 -3.93 6.45 1.94
CA ILE A 90 -5.07 5.57 1.59
C ILE A 90 -6.38 6.15 2.14
N VAL A 91 -6.37 6.73 3.35
CA VAL A 91 -7.57 7.37 3.88
C VAL A 91 -8.02 8.49 2.94
N LYS A 92 -7.08 9.29 2.46
N LYS A 92 -7.07 9.29 2.47
CA LYS A 92 -7.42 10.37 1.54
CA LYS A 92 -7.39 10.40 1.55
C LYS A 92 -8.01 9.82 0.24
C LYS A 92 -7.94 9.87 0.23
N LEU A 93 -7.44 8.74 -0.25
CA LEU A 93 -7.98 8.10 -1.47
C LEU A 93 -9.39 7.60 -1.27
N SER A 94 -9.67 7.01 -0.12
N SER A 94 -9.66 7.00 -0.11
CA SER A 94 -11.02 6.58 0.26
CA SER A 94 -11.02 6.59 0.25
C SER A 94 -11.96 7.80 0.27
C SER A 94 -11.97 7.79 0.30
N ALA A 95 -11.53 8.91 0.85
CA ALA A 95 -12.36 10.10 0.88
C ALA A 95 -12.69 10.60 -0.53
N ALA A 96 -11.71 10.60 -1.41
CA ALA A 96 -11.91 11.03 -2.81
C ALA A 96 -12.88 10.09 -3.52
N ALA A 97 -12.71 8.80 -3.33
CA ALA A 97 -13.58 7.80 -3.93
C ALA A 97 -14.99 7.89 -3.40
N ASP A 98 -15.13 8.11 -2.09
CA ASP A 98 -16.44 8.22 -1.46
C ASP A 98 -17.15 9.48 -1.98
N ALA A 99 -16.40 10.54 -2.29
CA ALA A 99 -16.94 11.79 -2.81
C ALA A 99 -17.32 11.70 -4.30
N GLY A 100 -16.83 10.70 -5.00
CA GLY A 100 -17.14 10.53 -6.42
C GLY A 100 -16.58 11.60 -7.33
N ASP A 101 -15.39 12.09 -6.98
CA ASP A 101 -14.76 13.20 -7.63
C ASP A 101 -13.48 12.75 -8.33
N LEU A 102 -13.51 12.67 -9.67
CA LEU A 102 -12.33 12.17 -10.43
C LEU A 102 -11.08 13.01 -10.26
N ASP A 103 -11.23 14.34 -10.19
N ASP A 103 -11.25 14.32 -10.20
CA ASP A 103 -10.06 15.24 -9.94
CA ASP A 103 -10.09 15.19 -10.04
C ASP A 103 -9.42 14.88 -8.62
C ASP A 103 -9.45 14.98 -8.65
N LYS A 104 -10.25 14.79 -7.60
CA LYS A 104 -9.71 14.46 -6.28
C LYS A 104 -9.10 13.05 -6.26
N LEU A 105 -9.75 12.11 -6.95
CA LEU A 105 -9.25 10.75 -7.04
C LEU A 105 -7.86 10.73 -7.67
N ARG A 106 -7.65 11.43 -8.79
N ARG A 106 -7.71 11.45 -8.79
CA ARG A 106 -6.35 11.33 -9.46
CA ARG A 106 -6.45 11.55 -9.52
C ARG A 106 -5.26 11.98 -8.60
C ARG A 106 -5.34 11.94 -8.55
N ALA A 107 -5.57 13.05 -7.86
CA ALA A 107 -4.58 13.65 -6.97
C ALA A 107 -4.23 12.69 -5.84
N ALA A 108 -5.25 12.10 -5.23
CA ALA A 108 -5.06 11.17 -4.10
C ALA A 108 -4.32 9.92 -4.58
N PHE A 109 -4.59 9.47 -5.80
CA PHE A 109 -3.96 8.30 -6.36
C PHE A 109 -2.47 8.58 -6.49
N GLY A 110 -2.11 9.75 -7.01
CA GLY A 110 -0.72 10.13 -7.16
C GLY A 110 0.00 10.16 -5.81
N ASP A 111 -0.66 10.67 -4.78
CA ASP A 111 -0.05 10.72 -3.44
C ASP A 111 0.21 9.32 -2.88
N VAL A 112 -0.75 8.42 -3.07
CA VAL A 112 -0.55 7.04 -2.68
C VAL A 112 0.65 6.44 -3.39
N GLY A 113 0.70 6.58 -4.70
CA GLY A 113 1.80 5.99 -5.46
C GLY A 113 3.15 6.49 -4.99
N ALA A 114 3.23 7.78 -4.68
CA ALA A 114 4.49 8.37 -4.19
C ALA A 114 4.87 7.73 -2.85
N SER A 115 3.89 7.42 -2.01
CA SER A 115 4.16 6.78 -0.73
CA SER A 115 4.15 6.79 -0.74
C SER A 115 4.63 5.34 -0.93
N CYS A 116 4.11 4.61 -1.91
CA CYS A 116 4.63 3.27 -2.21
C CYS A 116 6.13 3.37 -2.53
N LYS A 117 6.43 4.26 -3.47
CA LYS A 117 7.80 4.39 -3.95
C LYS A 117 8.77 4.84 -2.86
N ALA A 118 8.31 5.75 -1.99
CA ALA A 118 9.16 6.26 -0.91
C ALA A 118 9.57 5.11 0.01
N CYS A 119 8.65 4.23 0.30
CA CYS A 119 9.01 3.10 1.15
C CYS A 119 9.95 2.14 0.43
N HIS A 120 9.65 1.83 -0.84
CA HIS A 120 10.53 0.96 -1.63
C HIS A 120 11.95 1.48 -1.71
N ASP A 121 12.07 2.78 -1.92
CA ASP A 121 13.39 3.39 -2.08
C ASP A 121 14.24 3.16 -0.83
N ALA A 122 13.62 3.15 0.35
CA ALA A 122 14.37 3.00 1.61
C ALA A 122 14.48 1.56 2.09
N TYR A 123 13.47 0.75 1.84
CA TYR A 123 13.30 -0.51 2.56
C TYR A 123 13.11 -1.77 1.74
N ARG A 124 13.10 -1.65 0.41
N ARG A 124 13.08 -1.65 0.41
CA ARG A 124 12.96 -2.82 -0.46
CA ARG A 124 12.94 -2.80 -0.47
C ARG A 124 14.26 -3.00 -1.21
C ARG A 124 14.24 -3.02 -1.22
N LYS A 125 14.76 -4.23 -1.18
CA LYS A 125 16.01 -4.58 -1.85
CA LYS A 125 16.01 -4.57 -1.85
C LYS A 125 15.82 -4.39 -3.36
N LYS A 126 16.91 -4.05 -4.05
CA LYS A 126 16.86 -3.73 -5.49
C LYS A 126 16.38 -4.85 -6.43
FE HEC B . 5.58 -2.50 -1.49
CHA HEC B . 7.15 -5.57 -1.97
CHB HEC B . 3.69 -3.05 -4.30
CHC HEC B . 3.53 0.15 -0.66
CHD HEC B . 7.34 -2.10 1.43
NA HEC B . 5.42 -4.03 -2.83
C1A HEC B . 6.12 -5.18 -2.93
C2A HEC B . 5.76 -5.96 -4.05
C3A HEC B . 4.79 -5.25 -4.72
C4A HEC B . 4.62 -4.09 -3.93
CMA HEC B . 4.03 -5.65 -5.96
CAA HEC B . 6.32 -7.33 -4.41
CBA HEC B . 5.57 -8.43 -3.65
CGA HEC B . 5.98 -9.82 -4.08
O1A HEC B . 7.14 -10.25 -3.79
O2A HEC B . 5.16 -10.53 -4.71
NB HEC B . 3.89 -1.67 -2.30
C1B HEC B . 3.33 -1.92 -3.49
C2B HEC B . 2.38 -0.96 -3.87
C3B HEC B . 2.34 -0.03 -2.83
C4B HEC B . 3.28 -0.52 -1.90
CMB HEC B . 1.57 -0.91 -5.16
CAB HEC B . 1.48 1.21 -2.68
CBB HEC B . 0.02 1.03 -3.13
NC HEC B . 5.41 -1.27 0.10
C1C HEC B . 4.57 -0.20 0.27
C2C HEC B . 4.87 0.59 1.43
C3C HEC B . 5.96 -0.07 2.03
C4C HEC B . 6.26 -1.16 1.18
CMC HEC B . 4.13 1.81 1.88
CAC HEC B . 6.75 0.30 3.28
CBC HEC B . 5.98 1.08 4.36
ND HEC B . 6.96 -3.60 -0.48
C1D HEC B . 7.61 -3.28 0.66
C2D HEC B . 8.62 -4.18 1.04
C3D HEC B . 8.55 -5.18 0.10
C4D HEC B . 7.54 -4.78 -0.81
CMD HEC B . 9.53 -4.10 2.24
CAD HEC B . 9.36 -6.47 0.09
CBD HEC B . 8.59 -7.59 0.82
CGD HEC B . 9.34 -8.91 0.88
O1D HEC B . 9.78 -9.40 -0.21
O2D HEC B . 9.54 -9.46 1.99
C1 ASC C . 2.21 0.08 -8.33
C2 ASC C . 3.28 -0.81 -7.89
C3 ASC C . 4.14 -0.05 -7.20
C4 ASC C . 3.70 1.38 -7.12
C5 ASC C . 4.76 2.31 -7.67
C6 ASC C . 4.26 3.75 -7.56
O1 ASC C . 1.17 -0.22 -8.93
O2 ASC C . 3.34 -2.14 -8.12
O3 ASC C . 5.25 -0.44 -6.60
O4 ASC C . 2.50 1.45 -7.91
O5 ASC C . 5.04 2.00 -9.03
O6 ASC C . 5.26 4.61 -8.11
S SO4 D . 6.60 -3.17 -8.11
O1 SO4 D . 6.34 -2.64 -6.76
O2 SO4 D . 7.72 -2.43 -8.72
O3 SO4 D . 5.40 -3.01 -8.96
O4 SO4 D . 6.96 -4.60 -8.03
#